data_1F4D
#
_entry.id   1F4D
#
_cell.length_a   126.330
_cell.length_b   126.330
_cell.length_c   67.120
_cell.angle_alpha   90.00
_cell.angle_beta   90.00
_cell.angle_gamma   120.00
#
_symmetry.space_group_name_H-M   'P 63'
#
loop_
_entity.id
_entity.type
_entity.pdbx_description
1 polymer 'THYMIDYLATE SYNTHASE'
2 non-polymer 'SULFATE ION'
3 non-polymer N-[TOSYL-D-PROLINYL]AMINO-ETHANETHIOL
4 non-polymer GLYCEROL
5 water water
#
_entity_poly.entity_id   1
_entity_poly.type   'polypeptide(L)'
_entity_poly.pdbx_seq_one_letter_code
;(CXM)KQYLELMQKVLDEGTQKNDRTGTGTLSIFGHQMRFNLQDGFPLVTTKRCHLRSIIHELLWFLQGDTNIAYLHENN
VTIWDEWADENGDLGPVYGKQWRAWPTPDGRHIDQITTVLNQLKNDPDSRRIIVSAWNVGELDKMACAPSHAFFQFYVAD
GKLSCQLYQRSCDVFLGLPFNIASYALLVHMMAQQCDLEVGDFVWTGGDTHLYSNHMDQTHLQLSREPRPLPKLIIKRKP
ESIFDYRFEDFEIEGYDPHPGIKAPVAI
;
_entity_poly.pdbx_strand_id   A,B
#
loop_
_chem_comp.id
_chem_comp.type
_chem_comp.name
_chem_comp.formula
GOL non-polymer GLYCEROL 'C3 H8 O3'
SO4 non-polymer 'SULFATE ION' 'O4 S -2'
TP2 non-polymer N-[TOSYL-D-PROLINYL]AMINO-ETHANETHIOL 'C14 H20 N2 O3 S2'
#
# COMPACT_ATOMS: atom_id res chain seq x y z
N CXM A 1 -11.11 20.09 0.14
CA CXM A 1 -11.22 19.85 -1.25
CB CXM A 1 -9.96 19.14 -1.83
CG CXM A 1 -8.71 19.99 -1.81
SD CXM A 1 -7.18 19.11 -2.24
CE CXM A 1 -6.89 18.13 -0.78
C CXM A 1 -12.35 18.84 -1.48
O CXM A 1 -12.73 18.12 -0.49
CN CXM A 1 -11.17 21.48 0.22
ON1 CXM A 1 -10.44 22.28 -0.39
ON2 CXM A 1 -10.93 21.74 1.39
N LYS A 2 -12.82 18.60 -2.69
CA LYS A 2 -14.02 17.73 -2.82
C LYS A 2 -13.72 16.31 -2.38
N GLN A 3 -12.63 15.67 -2.81
CA GLN A 3 -12.29 14.32 -2.51
C GLN A 3 -12.15 14.19 -0.96
N TYR A 4 -11.57 15.17 -0.33
CA TYR A 4 -11.25 15.22 1.10
C TYR A 4 -12.56 15.26 1.90
N LEU A 5 -13.48 16.17 1.54
CA LEU A 5 -14.78 16.16 2.25
C LEU A 5 -15.56 14.90 1.90
N GLU A 6 -15.44 14.30 0.70
CA GLU A 6 -16.17 13.04 0.47
C GLU A 6 -15.64 11.97 1.41
N LEU A 7 -14.30 11.92 1.60
CA LEU A 7 -13.78 10.94 2.56
C LEU A 7 -14.29 11.29 3.96
N MET A 8 -14.25 12.57 4.42
CA MET A 8 -14.79 12.78 5.77
C MET A 8 -16.22 12.21 5.85
N GLN A 9 -17.07 12.48 4.85
CA GLN A 9 -18.49 12.07 4.87
C GLN A 9 -18.66 10.55 4.86
N LYS A 10 -17.64 9.93 4.22
CA LYS A 10 -17.68 8.47 4.18
C LYS A 10 -17.36 7.93 5.57
N VAL A 11 -16.26 8.38 6.21
CA VAL A 11 -16.03 7.87 7.60
C VAL A 11 -17.25 8.11 8.49
N LEU A 12 -17.85 9.31 8.47
CA LEU A 12 -19.02 9.56 9.30
C LEU A 12 -20.20 8.63 8.95
N ASP A 13 -20.44 8.27 7.72
CA ASP A 13 -21.60 7.49 7.32
C ASP A 13 -21.36 5.97 7.38
N GLU A 14 -20.12 5.54 7.16
CA GLU A 14 -19.90 4.10 7.24
C GLU A 14 -19.01 3.69 8.41
N GLY A 15 -18.38 4.59 9.12
CA GLY A 15 -17.35 4.15 10.07
C GLY A 15 -17.82 3.36 11.26
N THR A 16 -16.94 2.60 11.87
CA THR A 16 -17.17 1.79 13.05
C THR A 16 -16.60 2.53 14.25
N GLN A 17 -17.41 2.69 15.25
CA GLN A 17 -17.09 3.33 16.50
C GLN A 17 -16.18 2.42 17.33
N LYS A 18 -14.97 2.87 17.59
CA LYS A 18 -14.02 1.98 18.30
C LYS A 18 -13.19 2.85 19.21
N ASN A 19 -12.01 2.45 19.67
CA ASN A 19 -11.20 3.35 20.53
C ASN A 19 -9.77 3.45 20.00
N ASP A 20 -8.88 4.28 20.55
CA ASP A 20 -7.53 4.29 19.94
C ASP A 20 -6.54 3.56 20.85
N ARG A 21 -5.24 3.74 20.62
CA ARG A 21 -4.22 3.11 21.45
C ARG A 21 -4.32 3.66 22.87
N THR A 22 -4.51 4.97 22.95
CA THR A 22 -4.73 5.70 24.19
C THR A 22 -6.16 5.52 24.70
N GLY A 23 -7.06 5.06 23.85
CA GLY A 23 -8.46 4.82 24.18
C GLY A 23 -9.37 5.98 23.82
N THR A 24 -8.83 7.07 23.29
CA THR A 24 -9.53 8.26 22.85
C THR A 24 -10.93 8.06 22.25
N GLY A 25 -11.01 7.23 21.23
CA GLY A 25 -12.32 6.98 20.61
C GLY A 25 -12.20 7.49 19.17
N THR A 26 -12.47 6.57 18.26
CA THR A 26 -12.47 6.91 16.85
C THR A 26 -13.69 6.31 16.15
N LEU A 27 -13.83 6.87 14.95
CA LEU A 27 -14.76 6.36 13.98
C LEU A 27 -13.84 5.97 12.80
N SER A 28 -13.86 4.69 12.40
CA SER A 28 -12.91 4.31 11.38
C SER A 28 -13.48 3.44 10.28
N ILE A 29 -12.92 3.64 9.10
CA ILE A 29 -13.24 2.80 7.93
C ILE A 29 -11.89 2.19 7.52
N PHE A 30 -11.87 1.07 6.81
CA PHE A 30 -10.74 0.31 6.40
C PHE A 30 -10.76 0.14 4.87
N GLY A 31 -9.79 0.81 4.25
CA GLY A 31 -9.65 0.81 2.82
C GLY A 31 -10.35 1.99 2.17
N HIS A 32 -9.56 2.82 1.50
CA HIS A 32 -10.12 3.95 0.76
C HIS A 32 -9.12 4.35 -0.30
N GLN A 33 -9.54 4.95 -1.40
CA GLN A 33 -8.63 5.40 -2.41
C GLN A 33 -9.18 6.66 -3.08
N MET A 34 -8.39 7.68 -3.29
CA MET A 34 -8.76 8.92 -3.91
C MET A 34 -7.57 9.48 -4.72
N ARG A 35 -7.83 10.33 -5.68
CA ARG A 35 -6.88 10.86 -6.62
C ARG A 35 -6.94 12.37 -6.76
N PHE A 36 -5.74 12.99 -6.87
CA PHE A 36 -5.63 14.43 -7.08
C PHE A 36 -4.87 14.71 -8.37
N ASN A 37 -5.52 15.21 -9.44
CA ASN A 37 -4.74 15.46 -10.65
C ASN A 37 -3.96 16.74 -10.39
N LEU A 38 -2.65 16.67 -10.21
CA LEU A 38 -1.90 17.86 -9.79
C LEU A 38 -1.89 19.02 -10.78
N GLN A 39 -2.21 18.79 -12.05
CA GLN A 39 -2.31 19.92 -13.01
C GLN A 39 -3.60 20.67 -12.73
N ASP A 40 -4.59 20.05 -12.07
CA ASP A 40 -5.76 20.87 -11.66
C ASP A 40 -5.41 21.87 -10.61
N GLY A 41 -4.29 21.78 -9.90
CA GLY A 41 -3.98 22.67 -8.79
C GLY A 41 -3.31 21.92 -7.63
N PHE A 42 -2.55 22.60 -6.78
CA PHE A 42 -1.86 22.06 -5.62
C PHE A 42 -2.88 21.73 -4.55
N PRO A 43 -2.95 20.45 -4.20
CA PRO A 43 -3.96 19.95 -3.26
C PRO A 43 -3.72 20.35 -1.84
N LEU A 44 -3.98 21.62 -1.52
CA LEU A 44 -3.94 22.13 -0.17
C LEU A 44 -5.40 22.40 0.24
N VAL A 45 -5.85 21.72 1.28
CA VAL A 45 -7.22 21.91 1.74
C VAL A 45 -7.59 23.38 1.80
N THR A 46 -8.75 23.78 1.32
CA THR A 46 -9.20 25.16 1.51
C THR A 46 -10.41 25.30 2.46
N THR A 47 -10.97 24.25 2.96
CA THR A 47 -12.16 24.38 3.87
C THR A 47 -11.75 24.76 5.29
N LYS A 48 -10.48 24.97 5.55
CA LYS A 48 -9.86 25.45 6.76
C LYS A 48 -8.45 25.90 6.32
N ARG A 49 -7.98 26.98 6.92
CA ARG A 49 -6.66 27.47 6.58
C ARG A 49 -5.59 26.46 7.00
N CYS A 50 -4.78 26.05 6.02
CA CYS A 50 -3.67 25.16 6.36
C CYS A 50 -2.38 25.91 6.10
N HIS A 51 -1.36 25.78 6.92
CA HIS A 51 -0.12 26.50 6.66
C HIS A 51 0.90 25.56 6.03
N LEU A 52 1.40 25.97 4.87
CA LEU A 52 2.38 25.11 4.19
C LEU A 52 3.75 25.24 4.85
N ARG A 53 4.00 26.28 5.67
CA ARG A 53 5.29 26.53 6.27
C ARG A 53 5.94 25.27 6.87
N SER A 54 5.24 24.65 7.81
CA SER A 54 5.71 23.43 8.46
C SER A 54 5.90 22.23 7.53
N ILE A 55 5.02 22.06 6.57
CA ILE A 55 5.01 20.92 5.68
C ILE A 55 6.29 21.01 4.84
N ILE A 56 6.59 22.22 4.32
CA ILE A 56 7.85 22.37 3.59
C ILE A 56 9.07 22.02 4.43
N HIS A 57 9.13 22.59 5.63
CA HIS A 57 10.24 22.27 6.54
C HIS A 57 10.33 20.77 6.78
N GLU A 58 9.21 20.11 7.08
CA GLU A 58 9.25 18.69 7.38
C GLU A 58 9.80 17.89 6.18
N LEU A 59 9.35 18.24 4.97
CA LEU A 59 9.80 17.53 3.78
C LEU A 59 11.28 17.78 3.47
N LEU A 60 11.83 18.98 3.71
CA LEU A 60 13.26 19.16 3.46
C LEU A 60 14.05 18.34 4.48
N TRP A 61 13.58 18.24 5.73
CA TRP A 61 14.16 17.51 6.81
C TRP A 61 14.14 15.99 6.54
N PHE A 62 13.00 15.50 6.05
CA PHE A 62 12.93 14.12 5.64
C PHE A 62 14.00 13.80 4.58
N LEU A 63 14.05 14.65 3.54
CA LEU A 63 14.94 14.50 2.41
C LEU A 63 16.40 14.57 2.79
N GLN A 64 16.78 15.23 3.86
CA GLN A 64 18.13 15.22 4.37
C GLN A 64 18.47 13.91 5.12
N GLY A 65 17.49 13.14 5.52
CA GLY A 65 17.71 11.90 6.28
C GLY A 65 17.63 12.17 7.78
N ASP A 66 17.30 13.39 8.21
CA ASP A 66 17.42 13.79 9.62
C ASP A 66 16.31 13.23 10.49
N THR A 67 16.57 12.87 11.76
CA THR A 67 15.56 12.34 12.65
C THR A 67 15.60 13.03 14.00
N ASN A 68 16.27 14.20 14.06
CA ASN A 68 16.34 14.99 15.28
C ASN A 68 15.52 16.24 15.03
N ILE A 69 14.73 16.64 16.01
CA ILE A 69 13.89 17.82 15.82
C ILE A 69 14.65 19.14 15.83
N ALA A 70 15.96 19.20 16.03
CA ALA A 70 16.73 20.45 16.05
C ALA A 70 16.50 21.43 14.92
N TYR A 71 16.48 20.94 13.70
CA TYR A 71 16.21 21.77 12.53
C TYR A 71 14.75 22.21 12.53
N LEU A 72 13.83 21.33 12.90
CA LEU A 72 12.44 21.72 13.00
C LEU A 72 12.24 22.72 14.13
N HIS A 73 12.92 22.51 15.26
CA HIS A 73 12.66 23.47 16.37
C HIS A 73 13.33 24.80 16.10
N GLU A 74 14.48 24.90 15.46
CA GLU A 74 14.99 26.20 15.05
C GLU A 74 13.95 26.96 14.22
N ASN A 75 13.31 26.37 13.19
CA ASN A 75 12.36 27.07 12.33
C ASN A 75 10.96 27.09 12.85
N ASN A 76 10.85 26.98 14.17
CA ASN A 76 9.60 26.99 14.91
C ASN A 76 8.60 26.00 14.34
N VAL A 77 9.06 24.79 14.11
CA VAL A 77 8.15 23.70 13.67
C VAL A 77 8.13 22.79 14.88
N THR A 78 6.96 22.63 15.48
CA THR A 78 6.78 21.86 16.71
C THR A 78 5.91 20.66 16.57
N ILE A 79 5.59 20.23 15.36
CA ILE A 79 4.76 19.04 15.16
C ILE A 79 5.36 17.72 15.61
N TRP A 80 6.66 17.54 15.62
CA TRP A 80 7.31 16.34 16.14
C TRP A 80 7.72 16.42 17.60
N ASP A 81 7.56 17.54 18.29
CA ASP A 81 8.10 17.75 19.63
C ASP A 81 7.66 16.81 20.74
N GLU A 82 6.45 16.32 20.71
CA GLU A 82 5.94 15.39 21.68
C GLU A 82 6.43 13.97 21.55
N TRP A 83 7.10 13.60 20.45
CA TRP A 83 7.60 12.24 20.30
C TRP A 83 9.07 12.13 20.61
N ALA A 84 9.74 13.27 20.50
CA ALA A 84 11.20 13.32 20.67
C ALA A 84 11.57 12.95 22.10
N ASP A 85 12.75 12.42 22.26
CA ASP A 85 13.30 12.03 23.55
C ASP A 85 13.94 13.31 24.05
N GLU A 86 14.62 13.28 25.17
CA GLU A 86 15.27 14.42 25.80
C GLU A 86 16.40 14.96 24.95
N ASN A 87 16.91 14.19 23.99
CA ASN A 87 17.97 14.66 23.10
C ASN A 87 17.45 15.21 21.78
N GLY A 88 16.12 15.17 21.65
CA GLY A 88 15.44 15.62 20.44
C GLY A 88 15.38 14.50 19.40
N ASP A 89 15.78 13.27 19.78
CA ASP A 89 15.79 12.18 18.80
C ASP A 89 14.45 11.45 18.72
N LEU A 90 14.10 11.05 17.50
CA LEU A 90 12.87 10.34 17.18
C LEU A 90 13.24 8.89 16.84
N GLY A 91 14.54 8.63 16.65
CA GLY A 91 14.86 7.24 16.25
C GLY A 91 14.86 7.16 14.75
N PRO A 92 15.14 6.04 14.12
CA PRO A 92 15.19 5.95 12.66
C PRO A 92 13.84 6.01 11.94
N VAL A 93 13.09 7.08 12.09
CA VAL A 93 11.78 7.31 11.51
C VAL A 93 12.00 7.74 10.06
N TYR A 94 10.93 8.05 9.38
CA TYR A 94 10.85 8.43 8.00
C TYR A 94 12.15 8.76 7.28
N GLY A 95 12.78 9.91 7.54
CA GLY A 95 13.94 10.36 6.76
C GLY A 95 15.09 9.35 6.83
N LYS A 96 15.35 8.73 7.97
CA LYS A 96 16.41 7.73 8.04
C LYS A 96 16.15 6.61 7.04
N GLN A 97 14.94 6.06 7.03
CA GLN A 97 14.62 4.92 6.16
C GLN A 97 14.63 5.29 4.68
N TRP A 98 14.21 6.52 4.38
CA TRP A 98 14.17 7.04 3.04
C TRP A 98 15.62 7.09 2.51
N ARG A 99 16.52 7.66 3.31
CA ARG A 99 17.89 7.84 2.86
C ARG A 99 18.91 6.77 3.23
N ALA A 100 18.73 5.93 4.21
CA ALA A 100 19.72 4.95 4.58
C ALA A 100 18.99 3.75 5.26
N TRP A 101 18.30 2.99 4.46
CA TRP A 101 17.71 1.74 4.94
C TRP A 101 18.87 0.76 5.20
N PRO A 102 19.06 0.28 6.38
CA PRO A 102 20.12 -0.63 6.73
C PRO A 102 19.83 -2.08 6.34
N THR A 103 20.71 -2.69 5.55
CA THR A 103 20.57 -4.06 5.09
C THR A 103 21.32 -5.01 6.03
N PRO A 104 21.06 -6.31 5.94
CA PRO A 104 21.63 -7.28 6.86
C PRO A 104 23.10 -7.46 6.62
N ASP A 105 23.60 -7.19 5.41
CA ASP A 105 25.04 -7.30 5.14
C ASP A 105 25.80 -6.00 5.44
N GLY A 106 25.18 -4.98 6.02
CA GLY A 106 25.90 -3.77 6.44
C GLY A 106 25.99 -2.66 5.40
N ARG A 107 25.20 -2.78 4.35
CA ARG A 107 25.01 -1.69 3.40
C ARG A 107 23.87 -0.80 3.86
N HIS A 108 23.69 0.29 3.17
CA HIS A 108 22.62 1.22 3.50
C HIS A 108 22.05 1.50 2.11
N ILE A 109 20.72 1.49 2.01
CA ILE A 109 20.18 1.79 0.67
C ILE A 109 19.64 3.20 0.66
N ASP A 110 20.01 4.00 -0.37
CA ASP A 110 19.39 5.36 -0.42
C ASP A 110 18.22 5.23 -1.38
N GLN A 111 17.02 5.11 -0.87
CA GLN A 111 15.82 4.89 -1.69
C GLN A 111 15.44 6.07 -2.58
N ILE A 112 15.74 7.29 -2.13
CA ILE A 112 15.30 8.47 -2.90
C ILE A 112 16.19 8.57 -4.12
N THR A 113 17.51 8.41 -3.90
CA THR A 113 18.47 8.43 -5.00
C THR A 113 18.12 7.26 -5.96
N THR A 114 17.74 6.10 -5.39
CA THR A 114 17.30 5.02 -6.25
C THR A 114 16.06 5.36 -7.07
N VAL A 115 15.00 5.98 -6.51
CA VAL A 115 13.84 6.24 -7.37
C VAL A 115 14.16 7.38 -8.34
N LEU A 116 15.10 8.25 -8.00
CA LEU A 116 15.48 9.31 -8.95
C LEU A 116 16.14 8.75 -10.20
N ASN A 117 17.07 7.80 -10.01
CA ASN A 117 17.74 7.14 -11.12
C ASN A 117 16.77 6.23 -11.88
N GLN A 118 15.81 5.60 -11.23
CA GLN A 118 14.85 4.72 -11.91
C GLN A 118 13.88 5.58 -12.69
N LEU A 119 13.59 6.78 -12.15
CA LEU A 119 12.74 7.68 -12.94
C LEU A 119 13.49 8.12 -14.19
N LYS A 120 14.76 8.50 -14.08
CA LYS A 120 15.43 8.92 -15.31
C LYS A 120 15.72 7.74 -16.24
N ASN A 121 16.18 6.60 -15.76
CA ASN A 121 16.67 5.59 -16.67
C ASN A 121 15.68 4.46 -16.99
N ASP A 122 14.71 4.23 -16.10
CA ASP A 122 13.74 3.13 -16.35
C ASP A 122 12.38 3.55 -15.77
N PRO A 123 11.81 4.61 -16.33
CA PRO A 123 10.56 5.18 -15.87
C PRO A 123 9.42 4.19 -15.99
N ASP A 124 9.45 3.18 -16.85
CA ASP A 124 8.39 2.18 -16.91
C ASP A 124 8.63 1.07 -15.88
N SER A 125 9.70 1.13 -15.07
CA SER A 125 9.78 0.10 -14.02
C SER A 125 8.53 0.00 -13.15
N ARG A 126 8.10 -1.19 -12.74
CA ARG A 126 6.97 -1.33 -11.84
C ARG A 126 7.43 -1.50 -10.38
N ARG A 127 8.66 -1.11 -10.06
CA ARG A 127 9.07 -1.12 -8.67
C ARG A 127 9.78 0.15 -8.28
N ILE A 128 9.28 1.32 -8.64
CA ILE A 128 9.87 2.59 -8.21
C ILE A 128 9.25 2.88 -6.86
N ILE A 129 9.81 2.27 -5.82
CA ILE A 129 9.22 2.33 -4.48
C ILE A 129 10.10 2.83 -3.35
N VAL A 130 9.53 3.60 -2.44
CA VAL A 130 10.17 4.06 -1.23
C VAL A 130 9.35 3.47 -0.06
N SER A 131 10.05 2.75 0.83
CA SER A 131 9.29 2.19 1.95
C SER A 131 9.91 2.71 3.24
N ALA A 132 8.99 3.18 4.09
CA ALA A 132 9.41 3.52 5.45
C ALA A 132 9.13 2.34 6.37
N TRP A 133 8.47 1.27 5.88
CA TRP A 133 8.13 0.13 6.71
C TRP A 133 9.27 -0.85 6.92
N ASN A 134 10.22 -0.38 7.72
CA ASN A 134 11.38 -1.22 8.10
C ASN A 134 11.00 -2.05 9.34
N VAL A 135 10.52 -3.25 9.07
CA VAL A 135 10.01 -4.13 10.14
C VAL A 135 11.00 -4.26 11.30
N GLY A 136 12.27 -4.46 10.98
CA GLY A 136 13.36 -4.65 11.86
C GLY A 136 13.57 -3.48 12.78
N GLU A 137 13.17 -2.26 12.43
CA GLU A 137 13.50 -1.08 13.19
C GLU A 137 12.30 -0.34 13.70
N LEU A 138 11.12 -0.89 13.49
CA LEU A 138 9.88 -0.23 13.96
C LEU A 138 9.97 0.10 15.42
N ASP A 139 10.43 -0.81 16.26
CA ASP A 139 10.37 -0.59 17.72
C ASP A 139 11.48 0.26 18.25
N LYS A 140 12.36 0.79 17.41
CA LYS A 140 13.39 1.76 17.76
C LYS A 140 12.81 3.15 17.49
N MET A 141 11.70 3.26 16.75
CA MET A 141 11.12 4.49 16.29
C MET A 141 10.20 5.12 17.33
N ALA A 142 10.09 6.45 17.39
CA ALA A 142 9.24 7.05 18.43
C ALA A 142 7.79 6.70 18.08
N CYS A 143 7.51 6.54 16.78
CA CYS A 143 6.23 6.01 16.37
C CYS A 143 6.40 5.30 15.03
N ALA A 144 5.61 4.26 14.79
CA ALA A 144 5.68 3.58 13.48
C ALA A 144 5.13 4.50 12.41
N PRO A 145 5.64 4.41 11.21
CA PRO A 145 5.26 5.29 10.13
C PRO A 145 3.75 5.23 9.87
N SER A 146 3.15 6.38 9.65
CA SER A 146 1.78 6.49 9.20
C SER A 146 1.77 6.42 7.67
N HIS A 147 2.55 7.27 7.04
CA HIS A 147 2.60 7.28 5.56
C HIS A 147 3.73 6.33 5.20
N ALA A 148 3.32 5.02 5.04
CA ALA A 148 4.33 3.99 5.16
C ALA A 148 5.08 3.56 3.91
N PHE A 149 4.49 3.78 2.75
CA PHE A 149 5.09 3.26 1.53
C PHE A 149 4.47 3.99 0.35
N PHE A 150 5.30 4.33 -0.60
CA PHE A 150 4.81 5.06 -1.79
C PHE A 150 5.51 4.58 -3.06
N GLN A 151 4.80 4.70 -4.19
CA GLN A 151 5.26 4.19 -5.47
C GLN A 151 5.14 5.20 -6.60
N PHE A 152 6.14 5.25 -7.50
CA PHE A 152 5.99 6.24 -8.57
C PHE A 152 5.62 5.53 -9.84
N TYR A 153 5.17 6.32 -10.79
CA TYR A 153 4.74 5.83 -12.10
C TYR A 153 4.69 6.96 -13.14
N VAL A 154 5.03 6.54 -14.37
CA VAL A 154 5.17 7.56 -15.42
C VAL A 154 4.35 7.20 -16.64
N ALA A 155 3.57 8.13 -17.15
CA ALA A 155 2.78 7.84 -18.35
C ALA A 155 2.59 9.18 -19.03
N ASP A 156 2.86 9.16 -20.32
CA ASP A 156 2.79 10.38 -21.12
C ASP A 156 3.52 11.56 -20.58
N GLY A 157 4.74 11.40 -20.10
CA GLY A 157 5.52 12.52 -19.61
C GLY A 157 5.09 13.08 -18.27
N LYS A 158 4.20 12.39 -17.58
CA LYS A 158 3.76 12.87 -16.27
C LYS A 158 4.18 11.93 -15.14
N LEU A 159 4.54 12.53 -14.02
CA LEU A 159 4.94 11.74 -12.87
C LEU A 159 3.76 11.64 -11.91
N SER A 160 3.33 10.44 -11.58
CA SER A 160 2.30 10.18 -10.59
C SER A 160 2.92 9.48 -9.37
N CYS A 161 2.22 9.48 -8.27
CA CYS A 161 2.65 8.84 -7.05
C CYS A 161 1.43 8.38 -6.24
N GLN A 162 1.59 7.12 -5.72
CA GLN A 162 0.56 6.53 -4.91
C GLN A 162 1.20 6.32 -3.52
N LEU A 163 0.50 6.69 -2.46
CA LEU A 163 0.94 6.52 -1.10
C LEU A 163 -0.02 5.52 -0.41
N TYR A 164 0.53 4.63 0.39
CA TYR A 164 -0.24 3.74 1.21
C TYR A 164 -0.05 4.24 2.65
N GLN A 165 -1.17 4.76 3.16
CA GLN A 165 -1.11 5.37 4.51
C GLN A 165 -1.86 4.42 5.40
N ARG A 166 -1.13 3.66 6.18
CA ARG A 166 -1.69 2.57 6.99
C ARG A 166 -2.51 3.08 8.17
N SER A 167 -2.28 4.27 8.66
CA SER A 167 -3.13 4.86 9.69
C SER A 167 -3.29 6.34 9.39
N CYS A 168 -4.53 6.79 9.35
CA CYS A 168 -4.82 8.14 9.00
C CYS A 168 -5.77 8.85 9.96
N ASP A 169 -5.25 9.93 10.48
CA ASP A 169 -6.08 10.86 11.30
C ASP A 169 -6.72 11.77 10.27
N VAL A 170 -7.98 11.54 9.90
CA VAL A 170 -8.44 12.34 8.73
C VAL A 170 -8.44 13.85 8.92
N PHE A 171 -8.86 14.34 10.09
CA PHE A 171 -9.02 15.76 10.24
C PHE A 171 -7.66 16.47 10.44
N LEU A 172 -6.76 15.91 11.21
CA LEU A 172 -5.57 16.63 11.61
C LEU A 172 -4.36 16.33 10.74
N GLY A 173 -4.17 15.09 10.37
CA GLY A 173 -2.98 14.71 9.63
C GLY A 173 -3.11 14.75 8.13
N LEU A 174 -4.19 14.20 7.63
CA LEU A 174 -4.43 14.04 6.22
C LEU A 174 -4.19 15.27 5.34
N PRO A 175 -4.61 16.46 5.73
CA PRO A 175 -4.37 17.64 4.86
C PRO A 175 -2.90 17.88 4.65
N PHE A 176 -2.14 17.61 5.74
CA PHE A 176 -0.70 17.81 5.76
C PHE A 176 -0.02 16.72 4.95
N ASN A 177 -0.53 15.48 5.04
CA ASN A 177 0.12 14.39 4.28
C ASN A 177 -0.12 14.57 2.79
N ILE A 178 -1.33 14.97 2.36
CA ILE A 178 -1.59 15.13 0.93
C ILE A 178 -0.70 16.27 0.39
N ALA A 179 -0.68 17.40 1.09
CA ALA A 179 0.22 18.49 0.60
C ALA A 179 1.69 18.08 0.65
N SER A 180 2.12 17.31 1.66
CA SER A 180 3.52 16.91 1.67
C SER A 180 3.97 16.11 0.44
N TYR A 181 3.14 15.07 0.09
CA TYR A 181 3.48 14.21 -1.03
C TYR A 181 3.32 14.95 -2.36
N ALA A 182 2.31 15.81 -2.47
CA ALA A 182 2.16 16.55 -3.75
C ALA A 182 3.37 17.46 -4.00
N LEU A 183 3.96 18.02 -2.98
CA LEU A 183 5.19 18.83 -3.08
C LEU A 183 6.36 17.95 -3.50
N LEU A 184 6.40 16.73 -2.94
CA LEU A 184 7.42 15.75 -3.28
C LEU A 184 7.32 15.42 -4.77
N VAL A 185 6.11 15.17 -5.22
CA VAL A 185 5.90 14.87 -6.63
C VAL A 185 6.37 16.05 -7.53
N HIS A 186 6.12 17.27 -7.12
CA HIS A 186 6.55 18.39 -7.95
C HIS A 186 8.09 18.44 -7.99
N MET A 187 8.73 18.15 -6.83
CA MET A 187 10.17 18.21 -6.75
C MET A 187 10.77 17.12 -7.64
N MET A 188 10.29 15.88 -7.55
CA MET A 188 10.81 14.81 -8.34
C MET A 188 10.59 15.06 -9.83
N ALA A 189 9.41 15.52 -10.22
CA ALA A 189 9.13 15.76 -11.64
C ALA A 189 10.06 16.86 -12.19
N GLN A 190 10.27 17.89 -11.37
CA GLN A 190 11.24 18.91 -11.74
C GLN A 190 12.62 18.30 -11.96
N GLN A 191 13.07 17.46 -11.02
CA GLN A 191 14.39 16.84 -11.19
C GLN A 191 14.46 15.91 -12.38
N CYS A 192 13.37 15.29 -12.83
CA CYS A 192 13.46 14.34 -13.93
C CYS A 192 12.92 14.93 -15.21
N ASP A 193 12.75 16.25 -15.29
CA ASP A 193 12.17 16.92 -16.44
C ASP A 193 10.83 16.30 -16.82
N LEU A 194 9.98 16.02 -15.83
CA LEU A 194 8.67 15.44 -16.16
C LEU A 194 7.60 16.47 -15.82
N GLU A 195 6.36 16.30 -16.25
CA GLU A 195 5.31 17.19 -15.74
C GLU A 195 4.60 16.44 -14.59
N VAL A 196 3.83 17.08 -13.73
CA VAL A 196 3.17 16.40 -12.64
C VAL A 196 1.96 15.70 -13.22
N GLY A 197 1.72 14.53 -12.67
CA GLY A 197 0.61 13.65 -12.99
C GLY A 197 -0.37 13.68 -11.78
N ASP A 198 -0.78 12.48 -11.34
CA ASP A 198 -1.66 12.37 -10.21
C ASP A 198 -0.99 11.95 -8.88
N PHE A 199 -1.57 12.45 -7.78
CA PHE A 199 -1.24 11.97 -6.46
C PHE A 199 -2.37 11.00 -6.06
N VAL A 200 -2.09 9.70 -5.96
CA VAL A 200 -3.12 8.76 -5.50
C VAL A 200 -3.03 8.43 -4.00
N TRP A 201 -4.03 8.80 -3.20
CA TRP A 201 -3.96 8.44 -1.78
C TRP A 201 -4.79 7.22 -1.45
N THR A 202 -4.20 6.25 -0.80
CA THR A 202 -4.92 5.02 -0.37
C THR A 202 -4.77 4.92 1.16
N GLY A 203 -5.84 4.62 1.88
CA GLY A 203 -5.75 4.52 3.31
C GLY A 203 -6.01 3.09 3.79
N GLY A 204 -5.50 2.82 5.00
CA GLY A 204 -5.72 1.56 5.67
C GLY A 204 -6.73 1.90 6.78
N ASP A 205 -6.30 1.98 8.04
CA ASP A 205 -7.23 2.35 9.12
C ASP A 205 -7.37 3.87 9.03
N THR A 206 -8.48 4.34 8.49
CA THR A 206 -8.77 5.74 8.19
C THR A 206 -9.90 6.14 9.13
N HIS A 207 -9.54 7.05 10.03
CA HIS A 207 -10.40 7.43 11.14
C HIS A 207 -10.42 8.91 11.48
N LEU A 208 -11.55 9.31 12.03
CA LEU A 208 -11.83 10.56 12.68
C LEU A 208 -11.89 10.26 14.20
N TYR A 209 -11.09 10.98 15.00
CA TYR A 209 -11.13 10.90 16.42
C TYR A 209 -12.44 11.55 16.90
N SER A 210 -13.11 11.03 17.88
CA SER A 210 -14.39 11.56 18.34
C SER A 210 -14.30 12.94 18.96
N ASN A 211 -13.15 13.45 19.42
CA ASN A 211 -13.07 14.85 19.77
C ASN A 211 -12.80 15.74 18.59
N HIS A 212 -12.87 15.26 17.35
CA HIS A 212 -12.72 16.14 16.20
C HIS A 212 -14.06 16.26 15.49
N MET A 213 -15.08 15.62 16.00
CA MET A 213 -16.40 15.59 15.36
C MET A 213 -17.02 16.96 15.10
N ASP A 214 -17.10 17.86 16.07
CA ASP A 214 -17.69 19.19 15.80
C ASP A 214 -16.84 19.95 14.81
N GLN A 215 -15.52 19.85 14.89
CA GLN A 215 -14.65 20.52 13.94
C GLN A 215 -14.90 19.98 12.53
N THR A 216 -15.02 18.67 12.34
CA THR A 216 -15.28 17.99 11.10
C THR A 216 -16.59 18.40 10.49
N HIS A 217 -17.68 18.46 11.23
CA HIS A 217 -18.99 18.94 10.75
C HIS A 217 -18.97 20.43 10.51
N LEU A 218 -18.23 21.20 11.28
CA LEU A 218 -18.03 22.61 10.92
C LEU A 218 -17.41 22.73 9.50
N GLN A 219 -16.34 21.96 9.25
CA GLN A 219 -15.64 21.99 7.98
C GLN A 219 -16.53 21.60 6.80
N LEU A 220 -17.28 20.49 7.01
CA LEU A 220 -18.27 19.98 6.08
C LEU A 220 -19.39 21.00 5.81
N SER A 221 -19.61 22.05 6.56
CA SER A 221 -20.59 23.04 6.12
C SER A 221 -20.00 24.04 5.11
N ARG A 222 -18.71 23.95 4.75
CA ARG A 222 -18.11 24.91 3.84
C ARG A 222 -17.89 24.41 2.41
N GLU A 223 -17.93 25.32 1.45
CA GLU A 223 -17.64 24.94 0.09
C GLU A 223 -16.13 25.03 -0.21
N PRO A 224 -15.65 24.02 -0.89
CA PRO A 224 -14.25 23.98 -1.32
C PRO A 224 -14.02 25.21 -2.20
N ARG A 225 -12.92 25.92 -2.01
CA ARG A 225 -12.57 26.97 -2.95
C ARG A 225 -11.67 26.42 -4.05
N PRO A 226 -11.33 27.21 -5.04
CA PRO A 226 -10.41 26.81 -6.10
C PRO A 226 -9.03 26.56 -5.53
N LEU A 227 -8.42 25.48 -5.96
CA LEU A 227 -7.12 25.04 -5.52
C LEU A 227 -6.01 26.07 -5.79
N PRO A 228 -5.19 26.37 -4.81
CA PRO A 228 -4.00 27.21 -5.06
C PRO A 228 -3.08 26.68 -6.15
N LYS A 229 -1.98 27.40 -6.40
CA LYS A 229 -1.02 26.94 -7.40
C LYS A 229 0.40 27.04 -6.84
N LEU A 230 1.16 25.98 -7.18
CA LEU A 230 2.54 25.96 -6.62
C LEU A 230 3.55 26.43 -7.65
N ILE A 231 4.37 27.39 -7.26
CA ILE A 231 5.42 27.89 -8.10
C ILE A 231 6.79 27.56 -7.48
N ILE A 232 7.65 26.82 -8.15
CA ILE A 232 9.01 26.51 -7.71
C ILE A 232 9.94 27.45 -8.49
N LYS A 233 10.77 28.19 -7.81
CA LYS A 233 11.47 29.34 -8.34
C LYS A 233 12.87 29.06 -8.85
N ARG A 234 13.39 27.89 -8.55
CA ARG A 234 14.72 27.44 -8.91
C ARG A 234 14.73 25.93 -9.22
N LYS A 235 15.70 25.52 -9.99
CA LYS A 235 15.91 24.10 -10.29
C LYS A 235 17.25 23.74 -9.66
N PRO A 236 17.27 23.25 -8.43
CA PRO A 236 18.46 22.87 -7.74
C PRO A 236 19.14 21.65 -8.40
N GLU A 237 20.42 21.49 -8.18
CA GLU A 237 21.26 20.47 -8.78
C GLU A 237 20.81 19.06 -8.43
N SER A 238 20.25 18.84 -7.25
CA SER A 238 19.67 17.55 -6.90
C SER A 238 18.40 17.74 -6.06
N ILE A 239 17.70 16.65 -5.85
CA ILE A 239 16.47 16.59 -5.04
C ILE A 239 16.79 16.87 -3.60
N PHE A 240 18.06 16.72 -3.16
CA PHE A 240 18.50 17.01 -1.82
C PHE A 240 18.92 18.46 -1.53
N ASP A 241 18.77 19.35 -2.51
CA ASP A 241 19.30 20.71 -2.38
C ASP A 241 18.22 21.77 -2.46
N TYR A 242 16.96 21.47 -2.34
CA TYR A 242 15.87 22.45 -2.32
C TYR A 242 15.93 23.34 -1.11
N ARG A 243 15.48 24.60 -1.11
CA ARG A 243 15.48 25.43 0.08
C ARG A 243 14.05 25.89 0.34
N PHE A 244 13.78 26.33 1.55
CA PHE A 244 12.46 26.72 1.95
C PHE A 244 11.90 27.79 1.03
N GLU A 245 12.75 28.78 0.73
CA GLU A 245 12.35 29.91 -0.07
C GLU A 245 12.23 29.64 -1.56
N ASP A 246 12.47 28.42 -2.05
CA ASP A 246 12.19 28.12 -3.46
C ASP A 246 10.72 27.89 -3.78
N PHE A 247 9.91 27.79 -2.74
CA PHE A 247 8.51 27.38 -2.84
C PHE A 247 7.53 28.51 -2.64
N GLU A 248 6.67 28.73 -3.62
CA GLU A 248 5.63 29.75 -3.40
C GLU A 248 4.24 29.20 -3.73
N ILE A 249 3.27 29.56 -2.92
CA ILE A 249 1.88 29.20 -3.19
C ILE A 249 1.11 30.44 -3.67
N GLU A 250 0.38 30.33 -4.75
CA GLU A 250 -0.38 31.45 -5.28
C GLU A 250 -1.86 31.12 -5.28
N GLY A 251 -2.72 32.09 -5.06
CA GLY A 251 -4.17 31.88 -5.17
C GLY A 251 -4.74 31.14 -3.96
N TYR A 252 -4.10 31.08 -2.82
CA TYR A 252 -4.65 30.30 -1.69
C TYR A 252 -5.64 31.22 -0.97
N ASP A 253 -6.94 30.99 -1.08
CA ASP A 253 -7.89 31.82 -0.29
C ASP A 253 -8.83 30.97 0.55
N PRO A 254 -8.38 30.44 1.67
CA PRO A 254 -9.12 29.45 2.43
C PRO A 254 -10.18 29.99 3.37
N HIS A 255 -11.03 29.05 3.82
CA HIS A 255 -11.97 29.44 4.89
C HIS A 255 -11.09 29.53 6.13
N PRO A 256 -11.69 29.92 7.25
CA PRO A 256 -10.92 30.11 8.45
C PRO A 256 -10.34 28.84 9.03
N GLY A 257 -9.15 28.94 9.63
CA GLY A 257 -8.55 27.86 10.39
C GLY A 257 -9.56 27.38 11.45
N ILE A 258 -9.46 26.06 11.67
CA ILE A 258 -10.27 25.38 12.66
C ILE A 258 -9.35 24.64 13.60
N LYS A 259 -9.14 25.09 14.82
CA LYS A 259 -8.24 24.34 15.72
C LYS A 259 -8.80 23.02 16.18
N ALA A 260 -7.97 22.08 16.60
CA ALA A 260 -8.50 20.85 17.20
C ALA A 260 -7.37 20.20 18.00
N PRO A 261 -7.73 19.38 18.96
CA PRO A 261 -6.73 18.73 19.79
C PRO A 261 -6.14 17.48 19.15
N VAL A 262 -4.85 17.24 19.39
CA VAL A 262 -4.16 16.06 18.89
C VAL A 262 -4.27 14.89 19.86
N ALA A 263 -3.97 13.71 19.34
CA ALA A 263 -3.95 12.46 20.06
C ALA A 263 -2.52 12.02 20.42
N ILE A 264 -2.40 11.55 21.64
CA ILE A 264 -1.19 11.07 22.28
C ILE A 264 -0.86 9.63 21.94
N CXM B 1 -15.52 -11.85 -11.86
CA CXM B 1 -16.40 -11.30 -10.94
CB CXM B 1 -15.76 -11.23 -9.52
CG CXM B 1 -15.53 -12.56 -8.81
SD CXM B 1 -14.52 -12.48 -7.32
CE CXM B 1 -12.92 -12.05 -7.97
C CXM B 1 -16.68 -9.87 -11.40
O CXM B 1 -15.79 -9.30 -12.13
CN CXM B 1 -15.73 -13.18 -12.05
ON1 CXM B 1 -16.62 -13.81 -11.48
ON2 CXM B 1 -15.79 -13.27 -13.28
N LYS B 2 -17.79 -9.31 -10.99
CA LYS B 2 -18.06 -7.92 -11.44
C LYS B 2 -16.91 -6.95 -11.20
N GLN B 3 -16.22 -6.91 -10.06
CA GLN B 3 -15.23 -5.81 -9.90
C GLN B 3 -14.04 -6.09 -10.79
N TYR B 4 -13.70 -7.36 -10.85
CA TYR B 4 -12.66 -7.89 -11.71
C TYR B 4 -12.93 -7.54 -13.17
N LEU B 5 -14.16 -7.84 -13.67
CA LEU B 5 -14.52 -7.53 -15.04
C LEU B 5 -14.59 -6.03 -15.27
N GLU B 6 -15.08 -5.22 -14.29
CA GLU B 6 -14.90 -3.79 -14.57
C GLU B 6 -13.44 -3.42 -14.63
N LEU B 7 -12.50 -3.95 -13.84
CA LEU B 7 -11.11 -3.44 -13.89
C LEU B 7 -10.45 -3.76 -15.22
N MET B 8 -10.72 -4.95 -15.74
CA MET B 8 -10.27 -5.41 -17.05
C MET B 8 -10.71 -4.41 -18.13
N GLN B 9 -11.96 -3.96 -18.07
CA GLN B 9 -12.52 -3.04 -19.04
C GLN B 9 -12.00 -1.61 -18.90
N LYS B 10 -11.72 -1.28 -17.64
CA LYS B 10 -11.03 -0.02 -17.35
C LYS B 10 -9.63 -0.03 -17.92
N VAL B 11 -8.86 -1.11 -17.75
CA VAL B 11 -7.50 -1.07 -18.40
C VAL B 11 -7.59 -0.91 -19.93
N LEU B 12 -8.49 -1.69 -20.54
CA LEU B 12 -8.77 -1.59 -21.98
C LEU B 12 -9.13 -0.18 -22.43
N ASP B 13 -10.08 0.49 -21.82
CA ASP B 13 -10.53 1.82 -22.15
C ASP B 13 -9.52 2.92 -21.85
N GLU B 14 -8.80 2.83 -20.73
CA GLU B 14 -7.93 3.94 -20.39
C GLU B 14 -6.48 3.56 -20.15
N GLY B 15 -6.09 2.31 -20.26
CA GLY B 15 -4.69 1.98 -20.00
C GLY B 15 -3.85 2.66 -21.06
N THR B 16 -2.59 2.98 -20.76
CA THR B 16 -1.72 3.57 -21.79
C THR B 16 -0.69 2.53 -22.20
N GLN B 17 -0.18 2.56 -23.42
CA GLN B 17 0.76 1.63 -23.96
C GLN B 17 2.12 1.85 -23.27
N LYS B 18 2.65 0.76 -22.77
CA LYS B 18 3.87 0.82 -21.97
C LYS B 18 4.70 -0.36 -22.41
N ASN B 19 5.98 -0.38 -22.11
CA ASN B 19 6.85 -1.49 -22.51
C ASN B 19 7.37 -2.12 -21.23
N ASP B 20 7.45 -3.44 -21.16
CA ASP B 20 7.91 -4.04 -19.90
C ASP B 20 9.36 -4.43 -20.10
N ARG B 21 10.00 -4.96 -19.07
CA ARG B 21 11.39 -5.38 -19.13
C ARG B 21 11.69 -6.44 -20.16
N THR B 22 10.68 -7.21 -20.55
CA THR B 22 10.73 -8.26 -21.52
C THR B 22 10.46 -7.88 -22.97
N GLY B 23 10.25 -6.61 -23.31
CA GLY B 23 9.92 -6.22 -24.68
C GLY B 23 8.52 -6.53 -25.15
N THR B 24 7.66 -7.14 -24.33
CA THR B 24 6.26 -7.41 -24.57
C THR B 24 5.55 -6.09 -24.25
N GLY B 25 4.47 -5.78 -24.96
CA GLY B 25 3.84 -4.51 -24.50
C GLY B 25 2.82 -4.78 -23.41
N THR B 26 2.29 -3.78 -22.76
CA THR B 26 1.22 -3.75 -21.81
C THR B 26 0.33 -2.49 -22.00
N LEU B 27 -0.90 -2.65 -21.59
CA LEU B 27 -1.86 -1.54 -21.48
C LEU B 27 -1.87 -1.39 -19.92
N SER B 28 -1.65 -0.15 -19.46
CA SER B 28 -1.50 -0.04 -18.02
C SER B 28 -2.18 1.13 -17.36
N ILE B 29 -2.66 0.95 -16.11
CA ILE B 29 -3.21 2.10 -15.38
C ILE B 29 -2.45 2.08 -14.05
N PHE B 30 -2.51 3.19 -13.32
CA PHE B 30 -1.87 3.32 -12.02
C PHE B 30 -2.93 3.74 -11.01
N GLY B 31 -3.09 2.94 -9.94
CA GLY B 31 -4.03 3.26 -8.88
C GLY B 31 -5.39 2.62 -9.15
N HIS B 32 -5.80 1.58 -8.41
CA HIS B 32 -7.10 0.97 -8.55
C HIS B 32 -7.45 0.26 -7.25
N GLN B 33 -8.70 0.21 -6.81
CA GLN B 33 -9.05 -0.47 -5.57
C GLN B 33 -10.38 -1.20 -5.74
N MET B 34 -10.47 -2.41 -5.23
CA MET B 34 -11.71 -3.17 -5.26
C MET B 34 -11.93 -3.73 -3.85
N ARG B 35 -13.16 -4.04 -3.48
CA ARG B 35 -13.47 -4.55 -2.15
C ARG B 35 -14.36 -5.79 -2.32
N PHE B 36 -13.96 -6.83 -1.60
CA PHE B 36 -14.69 -8.06 -1.64
C PHE B 36 -15.19 -8.35 -0.21
N ASN B 37 -16.50 -8.40 -0.04
CA ASN B 37 -17.07 -8.77 1.25
C ASN B 37 -17.12 -10.29 1.23
N LEU B 38 -16.25 -10.96 1.96
CA LEU B 38 -16.07 -12.40 1.97
C LEU B 38 -17.28 -13.16 2.54
N GLN B 39 -18.22 -12.46 3.17
CA GLN B 39 -19.46 -13.06 3.58
C GLN B 39 -20.36 -13.18 2.35
N ASP B 40 -20.09 -12.48 1.26
CA ASP B 40 -20.93 -12.65 0.05
C ASP B 40 -20.51 -13.93 -0.68
N GLY B 41 -19.31 -14.46 -0.41
CA GLY B 41 -18.87 -15.70 -1.01
C GLY B 41 -17.39 -15.67 -1.34
N PHE B 42 -16.78 -16.82 -1.60
CA PHE B 42 -15.33 -16.87 -1.85
C PHE B 42 -15.03 -16.22 -3.18
N PRO B 43 -14.14 -15.24 -3.21
CA PRO B 43 -13.91 -14.47 -4.43
C PRO B 43 -13.03 -15.12 -5.48
N LEU B 44 -13.43 -16.27 -5.99
CA LEU B 44 -12.75 -16.98 -7.06
C LEU B 44 -13.38 -16.61 -8.39
N VAL B 45 -12.56 -16.10 -9.32
CA VAL B 45 -13.15 -15.67 -10.61
C VAL B 45 -14.03 -16.79 -11.20
N THR B 46 -15.24 -16.46 -11.64
CA THR B 46 -16.07 -17.46 -12.30
C THR B 46 -16.12 -17.25 -13.82
N THR B 47 -15.54 -16.24 -14.43
CA THR B 47 -15.60 -16.06 -15.87
C THR B 47 -14.50 -16.83 -16.62
N LYS B 48 -13.70 -17.62 -15.96
CA LYS B 48 -12.74 -18.57 -16.46
C LYS B 48 -12.42 -19.46 -15.24
N ARG B 49 -12.32 -20.76 -15.42
CA ARG B 49 -12.05 -21.65 -14.30
C ARG B 49 -10.63 -21.33 -13.80
N CYS B 50 -10.53 -21.26 -12.48
CA CYS B 50 -9.25 -21.03 -11.84
C CYS B 50 -9.01 -22.21 -10.90
N HIS B 51 -7.92 -22.92 -11.05
CA HIS B 51 -7.57 -24.04 -10.20
C HIS B 51 -6.94 -23.51 -8.92
N LEU B 52 -7.47 -23.92 -7.79
CA LEU B 52 -7.03 -23.49 -6.46
C LEU B 52 -5.84 -24.31 -6.02
N ARG B 53 -5.66 -25.53 -6.55
CA ARG B 53 -4.69 -26.50 -6.10
C ARG B 53 -3.33 -25.84 -5.82
N SER B 54 -2.75 -25.20 -6.84
CA SER B 54 -1.47 -24.59 -6.67
C SER B 54 -1.55 -23.38 -5.73
N ILE B 55 -2.60 -22.60 -5.79
CA ILE B 55 -2.82 -21.46 -4.92
C ILE B 55 -2.69 -21.89 -3.46
N ILE B 56 -3.38 -22.96 -3.07
CA ILE B 56 -3.37 -23.52 -1.75
C ILE B 56 -1.98 -23.99 -1.36
N HIS B 57 -1.34 -24.82 -2.19
CA HIS B 57 0.02 -25.21 -1.90
C HIS B 57 0.98 -24.04 -1.70
N GLU B 58 1.00 -23.09 -2.63
CA GLU B 58 1.80 -21.86 -2.47
C GLU B 58 1.56 -21.15 -1.14
N LEU B 59 0.31 -20.87 -0.75
CA LEU B 59 0.05 -20.19 0.53
C LEU B 59 0.65 -20.94 1.70
N LEU B 60 0.49 -22.27 1.75
CA LEU B 60 1.04 -23.03 2.84
C LEU B 60 2.56 -23.01 2.86
N TRP B 61 3.12 -22.96 1.68
CA TRP B 61 4.58 -22.93 1.49
C TRP B 61 5.10 -21.60 2.03
N PHE B 62 4.31 -20.53 1.78
CA PHE B 62 4.63 -19.18 2.24
C PHE B 62 4.65 -19.16 3.77
N LEU B 63 3.59 -19.69 4.37
CA LEU B 63 3.43 -19.65 5.83
C LEU B 63 4.44 -20.47 6.60
N GLN B 64 5.06 -21.42 5.91
CA GLN B 64 6.09 -22.28 6.42
C GLN B 64 7.42 -21.56 6.29
N GLY B 65 7.50 -20.48 5.51
CA GLY B 65 8.70 -19.69 5.45
C GLY B 65 9.81 -20.28 4.61
N ASP B 66 9.60 -21.34 3.83
CA ASP B 66 10.75 -21.87 3.07
C ASP B 66 10.63 -21.23 1.69
N THR B 67 11.76 -21.02 1.03
CA THR B 67 11.75 -20.36 -0.28
C THR B 67 12.32 -21.27 -1.36
N ASN B 68 12.75 -22.46 -0.99
CA ASN B 68 13.24 -23.43 -1.99
C ASN B 68 12.02 -24.11 -2.58
N ILE B 69 11.92 -24.33 -3.89
CA ILE B 69 10.72 -24.99 -4.40
C ILE B 69 10.61 -26.52 -4.27
N ALA B 70 11.32 -27.22 -3.39
CA ALA B 70 11.13 -28.67 -3.28
C ALA B 70 9.73 -29.06 -2.83
N TYR B 71 9.14 -28.35 -1.87
CA TYR B 71 7.78 -28.61 -1.38
C TYR B 71 6.77 -28.51 -2.52
N LEU B 72 6.96 -27.49 -3.36
CA LEU B 72 6.08 -27.29 -4.50
C LEU B 72 6.31 -28.51 -5.41
N HIS B 73 7.54 -28.95 -5.57
CA HIS B 73 7.85 -30.10 -6.38
C HIS B 73 7.21 -31.37 -5.86
N GLU B 74 7.32 -31.68 -4.57
CA GLU B 74 6.64 -32.78 -3.95
C GLU B 74 5.15 -32.83 -4.30
N ASN B 75 4.47 -31.71 -4.48
CA ASN B 75 3.07 -31.75 -4.84
C ASN B 75 2.87 -31.31 -6.27
N ASN B 76 3.92 -31.39 -7.08
CA ASN B 76 3.87 -30.97 -8.47
C ASN B 76 3.30 -29.59 -8.73
N VAL B 77 3.73 -28.58 -7.95
CA VAL B 77 3.34 -27.20 -8.28
C VAL B 77 4.51 -26.55 -9.01
N THR B 78 4.28 -26.06 -10.22
CA THR B 78 5.31 -25.53 -11.10
C THR B 78 5.30 -24.05 -11.37
N ILE B 79 4.43 -23.28 -10.73
CA ILE B 79 4.41 -21.84 -10.95
C ILE B 79 5.70 -21.11 -10.64
N TRP B 80 6.54 -21.58 -9.75
CA TRP B 80 7.78 -20.89 -9.46
C TRP B 80 9.02 -21.40 -10.18
N ASP B 81 8.89 -22.45 -10.98
CA ASP B 81 10.00 -23.15 -11.61
C ASP B 81 10.99 -22.31 -12.39
N GLU B 82 10.48 -21.38 -13.18
CA GLU B 82 11.37 -20.52 -13.96
C GLU B 82 12.16 -19.50 -13.17
N TRP B 83 11.92 -19.16 -11.91
CA TRP B 83 12.76 -18.20 -11.21
C TRP B 83 13.79 -18.90 -10.35
N ALA B 84 13.51 -20.13 -10.01
CA ALA B 84 14.40 -20.92 -9.17
C ALA B 84 15.75 -21.09 -9.84
N ASP B 85 16.76 -21.30 -9.00
CA ASP B 85 18.11 -21.53 -9.48
C ASP B 85 18.21 -23.06 -9.59
N GLU B 86 19.44 -23.52 -9.83
CA GLU B 86 19.67 -24.95 -10.01
C GLU B 86 19.39 -25.72 -8.75
N ASN B 87 19.53 -25.13 -7.57
CA ASN B 87 19.20 -25.79 -6.33
C ASN B 87 17.73 -25.66 -5.94
N GLY B 88 16.93 -24.99 -6.75
CA GLY B 88 15.52 -24.79 -6.46
C GLY B 88 15.29 -23.61 -5.51
N ASP B 89 16.26 -22.71 -5.43
CA ASP B 89 16.19 -21.56 -4.55
C ASP B 89 15.69 -20.29 -5.21
N LEU B 90 14.84 -19.56 -4.49
CA LEU B 90 14.35 -18.29 -5.04
C LEU B 90 15.04 -17.06 -4.44
N GLY B 91 15.78 -17.30 -3.39
CA GLY B 91 16.29 -16.25 -2.51
C GLY B 91 15.22 -15.95 -1.47
N PRO B 92 15.33 -14.87 -0.73
CA PRO B 92 14.40 -14.59 0.37
C PRO B 92 13.20 -13.79 -0.03
N VAL B 93 12.35 -14.48 -0.80
CA VAL B 93 11.12 -14.01 -1.35
C VAL B 93 10.03 -14.14 -0.31
N TYR B 94 8.79 -13.94 -0.66
CA TYR B 94 7.68 -13.95 0.29
C TYR B 94 7.83 -14.67 1.61
N GLY B 95 7.82 -16.03 1.59
CA GLY B 95 7.83 -16.74 2.88
C GLY B 95 9.06 -16.38 3.72
N LYS B 96 10.25 -16.12 3.15
CA LYS B 96 11.33 -15.80 4.13
C LYS B 96 11.03 -14.49 4.89
N GLN B 97 10.52 -13.50 4.22
CA GLN B 97 10.18 -12.21 4.85
C GLN B 97 8.97 -12.31 5.74
N TRP B 98 7.99 -13.17 5.45
CA TRP B 98 6.82 -13.28 6.31
C TRP B 98 7.28 -13.93 7.61
N ARG B 99 8.17 -14.93 7.57
CA ARG B 99 8.40 -15.63 8.84
C ARG B 99 9.72 -15.35 9.50
N ALA B 100 10.65 -14.77 8.74
CA ALA B 100 11.98 -14.57 9.30
C ALA B 100 12.68 -13.39 8.64
N TRP B 101 12.08 -12.21 8.63
CA TRP B 101 12.68 -10.99 8.10
C TRP B 101 14.00 -10.76 8.83
N PRO B 102 15.11 -10.73 8.12
CA PRO B 102 16.42 -10.60 8.69
C PRO B 102 16.76 -9.19 9.19
N THR B 103 17.26 -9.13 10.44
CA THR B 103 17.55 -7.79 10.97
C THR B 103 19.04 -7.50 10.80
N PRO B 104 19.39 -6.22 10.94
CA PRO B 104 20.76 -5.76 10.79
C PRO B 104 21.71 -6.51 11.72
N ASP B 105 21.24 -6.62 12.94
CA ASP B 105 21.93 -7.27 14.05
C ASP B 105 21.74 -8.76 14.19
N GLY B 106 21.59 -9.53 13.12
CA GLY B 106 21.51 -10.96 13.10
C GLY B 106 20.29 -11.74 13.47
N ARG B 107 19.22 -11.17 13.98
CA ARG B 107 18.01 -11.87 14.36
C ARG B 107 16.98 -11.88 13.23
N HIS B 108 15.83 -12.51 13.43
CA HIS B 108 14.81 -12.64 12.40
C HIS B 108 13.45 -12.23 13.01
N ILE B 109 12.59 -11.60 12.21
CA ILE B 109 11.27 -11.20 12.73
C ILE B 109 10.18 -12.05 12.08
N ASP B 110 9.39 -12.73 12.91
CA ASP B 110 8.28 -13.54 12.42
C ASP B 110 7.06 -12.63 12.37
N GLN B 111 6.79 -12.12 11.17
CA GLN B 111 5.60 -11.24 11.04
C GLN B 111 4.28 -11.97 11.17
N ILE B 112 4.15 -13.26 10.82
CA ILE B 112 2.86 -13.93 10.99
C ILE B 112 2.57 -14.16 12.47
N THR B 113 3.57 -14.57 13.24
CA THR B 113 3.37 -14.77 14.69
C THR B 113 3.01 -13.41 15.30
N THR B 114 3.67 -12.30 14.93
CA THR B 114 3.30 -10.99 15.43
C THR B 114 1.83 -10.64 15.13
N VAL B 115 1.42 -10.66 13.88
CA VAL B 115 0.01 -10.34 13.59
C VAL B 115 -0.92 -11.28 14.33
N LEU B 116 -0.63 -12.58 14.42
CA LEU B 116 -1.56 -13.43 15.19
C LEU B 116 -1.67 -12.97 16.63
N ASN B 117 -0.57 -12.60 17.30
CA ASN B 117 -0.65 -12.09 18.67
C ASN B 117 -1.34 -10.74 18.75
N GLN B 118 -1.15 -9.85 17.77
CA GLN B 118 -1.85 -8.56 17.76
C GLN B 118 -3.35 -8.83 17.56
N LEU B 119 -3.69 -9.81 16.71
CA LEU B 119 -5.13 -9.98 16.48
C LEU B 119 -5.81 -10.47 17.74
N LYS B 120 -5.08 -11.26 18.52
CA LYS B 120 -5.60 -11.82 19.73
C LYS B 120 -5.49 -10.93 20.93
N ASN B 121 -4.48 -10.11 21.06
CA ASN B 121 -4.34 -9.34 22.29
C ASN B 121 -4.69 -7.87 22.09
N ASP B 122 -4.55 -7.36 20.86
CA ASP B 122 -4.78 -5.94 20.55
C ASP B 122 -5.40 -5.74 19.18
N PRO B 123 -6.58 -6.28 18.94
CA PRO B 123 -7.26 -6.26 17.65
C PRO B 123 -7.54 -4.89 17.07
N ASP B 124 -7.69 -3.83 17.89
CA ASP B 124 -7.88 -2.51 17.33
C ASP B 124 -6.55 -1.89 16.91
N SER B 125 -5.40 -2.50 17.11
CA SER B 125 -4.15 -1.93 16.62
C SER B 125 -4.38 -1.39 15.19
N ARG B 126 -3.63 -0.37 14.83
CA ARG B 126 -3.65 0.19 13.48
C ARG B 126 -2.32 -0.22 12.79
N ARG B 127 -1.61 -1.18 13.35
CA ARG B 127 -0.36 -1.57 12.67
C ARG B 127 -0.25 -3.09 12.62
N ILE B 128 -1.30 -3.70 12.09
CA ILE B 128 -1.33 -5.17 12.00
C ILE B 128 -0.98 -5.49 10.57
N ILE B 129 0.31 -5.47 10.35
CA ILE B 129 0.90 -5.49 9.01
C ILE B 129 1.92 -6.57 8.82
N VAL B 130 2.07 -7.01 7.57
CA VAL B 130 3.05 -7.97 7.13
C VAL B 130 3.58 -7.35 5.84
N SER B 131 4.86 -7.08 5.79
CA SER B 131 5.47 -6.50 4.60
C SER B 131 6.46 -7.52 4.02
N ALA B 132 6.36 -7.81 2.77
CA ALA B 132 7.37 -8.59 2.06
C ALA B 132 8.44 -7.67 1.44
N TRP B 133 8.28 -6.36 1.46
CA TRP B 133 9.11 -5.39 0.81
C TRP B 133 10.37 -5.03 1.61
N ASN B 134 11.22 -6.03 1.79
CA ASN B 134 12.50 -5.89 2.51
C ASN B 134 13.53 -5.26 1.59
N VAL B 135 13.61 -3.92 1.59
CA VAL B 135 14.50 -3.17 0.71
C VAL B 135 15.92 -3.72 0.68
N GLY B 136 16.50 -4.03 1.84
CA GLY B 136 17.85 -4.54 1.90
C GLY B 136 18.04 -5.92 1.30
N GLU B 137 16.98 -6.67 0.97
CA GLU B 137 17.14 -7.98 0.36
C GLU B 137 16.58 -8.16 -1.04
N LEU B 138 15.98 -7.11 -1.60
CA LEU B 138 15.52 -7.12 -2.96
C LEU B 138 16.56 -7.69 -3.92
N ASP B 139 17.81 -7.25 -3.91
CA ASP B 139 18.80 -7.81 -4.83
C ASP B 139 19.02 -9.30 -4.64
N LYS B 140 18.76 -9.91 -3.49
CA LYS B 140 18.98 -11.33 -3.36
C LYS B 140 17.77 -12.13 -3.85
N MET B 141 16.63 -11.48 -4.11
CA MET B 141 15.44 -12.20 -4.55
C MET B 141 15.43 -12.61 -6.00
N ALA B 142 14.82 -13.76 -6.33
CA ALA B 142 14.73 -14.09 -7.77
C ALA B 142 13.84 -13.07 -8.46
N CYS B 143 12.88 -12.47 -7.78
CA CYS B 143 11.99 -11.45 -8.25
C CYS B 143 11.52 -10.60 -7.04
N ALA B 144 11.28 -9.34 -7.35
CA ALA B 144 10.84 -8.42 -6.27
C ALA B 144 9.39 -8.73 -6.01
N PRO B 145 8.98 -8.77 -4.77
CA PRO B 145 7.58 -9.13 -4.44
C PRO B 145 6.59 -8.23 -5.15
N SER B 146 5.64 -8.82 -5.82
CA SER B 146 4.49 -8.22 -6.42
C SER B 146 3.42 -7.90 -5.37
N HIS B 147 3.05 -8.94 -4.62
CA HIS B 147 2.01 -8.68 -3.61
C HIS B 147 2.83 -8.29 -2.34
N ALA B 148 3.04 -7.01 -2.15
CA ALA B 148 4.14 -6.48 -1.38
C ALA B 148 3.86 -6.22 0.07
N PHE B 149 2.62 -5.88 0.43
CA PHE B 149 2.35 -5.40 1.81
C PHE B 149 0.84 -5.59 2.08
N PHE B 150 0.55 -6.06 3.29
CA PHE B 150 -0.88 -6.23 3.60
C PHE B 150 -1.13 -5.85 5.05
N GLN B 151 -2.37 -5.43 5.29
CA GLN B 151 -2.64 -4.95 6.64
C GLN B 151 -3.95 -5.56 7.10
N PHE B 152 -4.15 -5.90 8.34
CA PHE B 152 -5.38 -6.50 8.84
C PHE B 152 -6.05 -5.44 9.74
N TYR B 153 -7.31 -5.66 9.94
CA TYR B 153 -8.18 -4.71 10.63
C TYR B 153 -9.37 -5.47 11.20
N VAL B 154 -9.82 -5.12 12.40
CA VAL B 154 -10.94 -5.84 12.99
C VAL B 154 -12.03 -4.82 13.25
N ALA B 155 -13.27 -5.18 12.94
CA ALA B 155 -14.45 -4.40 13.31
C ALA B 155 -15.63 -5.37 13.52
N ASP B 156 -16.41 -5.11 14.57
CA ASP B 156 -17.58 -5.88 14.94
C ASP B 156 -17.39 -7.40 14.79
N GLY B 157 -16.26 -7.96 15.20
CA GLY B 157 -15.99 -9.37 15.11
C GLY B 157 -15.55 -9.91 13.78
N LYS B 158 -15.33 -9.00 12.82
CA LYS B 158 -14.98 -9.37 11.47
C LYS B 158 -13.52 -8.99 11.20
N LEU B 159 -12.84 -9.87 10.49
CA LEU B 159 -11.47 -9.63 10.11
C LEU B 159 -11.35 -9.17 8.67
N SER B 160 -10.85 -7.99 8.41
CA SER B 160 -10.58 -7.62 7.03
C SER B 160 -9.06 -7.53 6.79
N CYS B 161 -8.64 -7.52 5.56
CA CYS B 161 -7.27 -7.44 5.13
C CYS B 161 -7.17 -6.62 3.84
N GLN B 162 -6.20 -5.73 3.74
CA GLN B 162 -6.02 -4.95 2.53
C GLN B 162 -4.67 -5.34 1.96
N LEU B 163 -4.57 -5.59 0.64
CA LEU B 163 -3.26 -5.87 0.03
C LEU B 163 -2.85 -4.68 -0.84
N TYR B 164 -1.60 -4.20 -0.81
CA TYR B 164 -1.07 -3.25 -1.75
C TYR B 164 -0.21 -4.13 -2.69
N GLN B 165 -0.57 -4.12 -3.96
CA GLN B 165 0.04 -4.94 -5.00
C GLN B 165 0.66 -3.95 -5.97
N ARG B 166 1.98 -3.83 -5.90
CA ARG B 166 2.70 -2.86 -6.66
C ARG B 166 2.67 -3.19 -8.15
N SER B 167 2.52 -4.46 -8.47
CA SER B 167 2.56 -4.80 -9.88
C SER B 167 1.56 -5.92 -10.06
N CYS B 168 0.70 -5.74 -11.04
CA CYS B 168 -0.41 -6.70 -11.23
C CYS B 168 -0.69 -7.03 -12.70
N ASP B 169 -0.54 -8.32 -12.99
CA ASP B 169 -0.85 -8.85 -14.30
C ASP B 169 -2.36 -9.18 -14.16
N VAL B 170 -3.18 -8.32 -14.73
CA VAL B 170 -4.62 -8.43 -14.51
C VAL B 170 -5.14 -9.79 -14.94
N PHE B 171 -4.80 -10.23 -16.15
CA PHE B 171 -5.35 -11.49 -16.63
C PHE B 171 -4.86 -12.70 -15.85
N LEU B 172 -3.54 -12.85 -15.77
CA LEU B 172 -3.00 -14.10 -15.21
C LEU B 172 -2.79 -14.15 -13.71
N GLY B 173 -2.34 -13.01 -13.14
CA GLY B 173 -1.97 -13.13 -11.73
C GLY B 173 -3.11 -12.76 -10.80
N LEU B 174 -3.87 -11.71 -11.09
CA LEU B 174 -4.94 -11.21 -10.25
C LEU B 174 -5.96 -12.17 -9.67
N PRO B 175 -6.57 -13.05 -10.43
CA PRO B 175 -7.50 -14.03 -9.92
C PRO B 175 -6.79 -14.89 -8.88
N PHE B 176 -5.53 -15.26 -9.14
CA PHE B 176 -4.71 -16.05 -8.28
C PHE B 176 -4.44 -15.29 -6.97
N ASN B 177 -4.07 -14.02 -7.13
CA ASN B 177 -3.71 -13.26 -5.94
C ASN B 177 -4.95 -13.00 -5.06
N ILE B 178 -6.11 -12.72 -5.65
CA ILE B 178 -7.31 -12.46 -4.89
C ILE B 178 -7.71 -13.69 -4.08
N ALA B 179 -7.62 -14.89 -4.68
CA ALA B 179 -7.97 -16.09 -3.94
C ALA B 179 -7.02 -16.41 -2.80
N SER B 180 -5.73 -16.21 -3.08
CA SER B 180 -4.71 -16.47 -2.07
C SER B 180 -4.94 -15.71 -0.77
N TYR B 181 -5.17 -14.39 -0.94
CA TYR B 181 -5.38 -13.52 0.23
C TYR B 181 -6.72 -13.77 0.90
N ALA B 182 -7.80 -14.04 0.21
CA ALA B 182 -9.12 -14.38 0.79
C ALA B 182 -8.94 -15.67 1.60
N LEU B 183 -8.14 -16.59 1.04
CA LEU B 183 -7.86 -17.83 1.74
C LEU B 183 -7.23 -17.55 3.10
N LEU B 184 -6.16 -16.72 3.11
CA LEU B 184 -5.45 -16.42 4.33
C LEU B 184 -6.35 -15.75 5.35
N VAL B 185 -7.25 -14.88 4.93
CA VAL B 185 -8.19 -14.18 5.83
C VAL B 185 -9.08 -15.21 6.51
N HIS B 186 -9.59 -16.19 5.69
CA HIS B 186 -10.44 -17.17 6.34
C HIS B 186 -9.59 -17.93 7.36
N MET B 187 -8.33 -18.24 6.95
CA MET B 187 -7.54 -19.03 7.91
C MET B 187 -7.29 -18.29 9.22
N MET B 188 -7.00 -16.97 9.09
CA MET B 188 -6.63 -16.20 10.26
C MET B 188 -7.89 -15.94 11.08
N ALA B 189 -9.02 -15.70 10.38
CA ALA B 189 -10.25 -15.47 11.13
C ALA B 189 -10.52 -16.68 12.02
N GLN B 190 -10.40 -17.90 11.49
CA GLN B 190 -10.62 -19.10 12.25
C GLN B 190 -9.64 -19.19 13.41
N GLN B 191 -8.33 -18.98 13.24
CA GLN B 191 -7.41 -19.07 14.33
C GLN B 191 -7.57 -18.02 15.42
N CYS B 192 -8.25 -16.90 15.13
CA CYS B 192 -8.45 -15.79 16.04
C CYS B 192 -9.88 -15.78 16.49
N ASP B 193 -10.63 -16.84 16.13
CA ASP B 193 -12.04 -16.81 16.52
C ASP B 193 -12.81 -15.61 16.03
N LEU B 194 -12.61 -15.16 14.78
CA LEU B 194 -13.34 -14.03 14.24
C LEU B 194 -14.20 -14.49 13.06
N GLU B 195 -15.17 -13.73 12.61
CA GLU B 195 -15.85 -13.91 11.35
C GLU B 195 -15.06 -13.19 10.23
N VAL B 196 -15.33 -13.46 8.96
CA VAL B 196 -14.61 -12.87 7.85
C VAL B 196 -15.23 -11.53 7.44
N GLY B 197 -14.33 -10.59 7.17
CA GLY B 197 -14.75 -9.26 6.78
C GLY B 197 -14.52 -8.97 5.32
N ASP B 198 -13.90 -7.86 4.97
CA ASP B 198 -13.61 -7.55 3.56
C ASP B 198 -12.19 -7.82 3.13
N PHE B 199 -12.02 -8.20 1.87
CA PHE B 199 -10.72 -8.28 1.25
C PHE B 199 -10.67 -7.01 0.36
N VAL B 200 -9.84 -6.01 0.72
CA VAL B 200 -9.64 -4.81 -0.07
C VAL B 200 -8.37 -4.98 -0.88
N TRP B 201 -8.42 -4.90 -2.19
CA TRP B 201 -7.34 -5.07 -3.11
C TRP B 201 -7.02 -3.70 -3.73
N THR B 202 -5.74 -3.29 -3.63
CA THR B 202 -5.33 -1.98 -4.18
C THR B 202 -4.17 -2.21 -5.13
N GLY B 203 -4.19 -1.69 -6.35
CA GLY B 203 -3.01 -1.95 -7.19
C GLY B 203 -2.20 -0.68 -7.44
N GLY B 204 -0.91 -0.97 -7.73
CA GLY B 204 -0.03 0.05 -8.23
C GLY B 204 -0.19 0.02 -9.78
N ASP B 205 0.84 -0.52 -10.43
CA ASP B 205 0.97 -0.61 -11.88
C ASP B 205 0.10 -1.80 -12.26
N THR B 206 -1.10 -1.55 -12.82
CA THR B 206 -2.07 -2.61 -12.99
C THR B 206 -2.23 -2.83 -14.47
N HIS B 207 -1.73 -3.97 -15.01
CA HIS B 207 -1.75 -4.05 -16.46
C HIS B 207 -2.23 -5.35 -17.07
N LEU B 208 -2.57 -5.26 -18.36
CA LEU B 208 -2.89 -6.38 -19.20
C LEU B 208 -1.81 -6.52 -20.28
N TYR B 209 -1.24 -7.72 -20.38
CA TYR B 209 -0.22 -7.91 -21.40
C TYR B 209 -0.87 -7.87 -22.79
N SER B 210 -0.05 -7.40 -23.73
CA SER B 210 -0.43 -7.32 -25.12
C SER B 210 -0.86 -8.66 -25.69
N ASN B 211 -0.27 -9.78 -25.33
CA ASN B 211 -0.75 -11.07 -25.78
C ASN B 211 -1.76 -11.73 -24.82
N HIS B 212 -2.54 -10.91 -24.15
CA HIS B 212 -3.59 -11.31 -23.27
C HIS B 212 -4.92 -10.71 -23.76
N MET B 213 -4.87 -9.92 -24.84
CA MET B 213 -6.00 -9.24 -25.40
C MET B 213 -7.12 -10.05 -25.98
N ASP B 214 -6.88 -11.12 -26.71
CA ASP B 214 -7.91 -12.04 -27.18
C ASP B 214 -8.56 -12.74 -25.99
N GLN B 215 -7.71 -13.21 -25.06
CA GLN B 215 -8.23 -13.86 -23.87
C GLN B 215 -9.06 -12.88 -23.02
N THR B 216 -8.65 -11.63 -22.89
CA THR B 216 -9.42 -10.62 -22.19
C THR B 216 -10.75 -10.37 -22.90
N HIS B 217 -10.72 -10.11 -24.20
CA HIS B 217 -11.95 -9.93 -24.98
C HIS B 217 -12.90 -11.09 -24.83
N LEU B 218 -12.38 -12.32 -24.90
CA LEU B 218 -13.21 -13.49 -24.65
C LEU B 218 -13.76 -13.48 -23.23
N GLN B 219 -12.93 -13.09 -22.24
CA GLN B 219 -13.44 -13.15 -20.87
C GLN B 219 -14.46 -12.06 -20.64
N LEU B 220 -14.29 -10.87 -21.19
CA LEU B 220 -15.33 -9.85 -20.97
C LEU B 220 -16.66 -10.22 -21.62
N SER B 221 -16.73 -11.12 -22.61
CA SER B 221 -18.02 -11.44 -23.21
C SER B 221 -18.81 -12.42 -22.36
N ARG B 222 -18.28 -12.97 -21.28
CA ARG B 222 -19.04 -13.90 -20.46
C ARG B 222 -19.66 -13.14 -19.28
N GLU B 223 -20.63 -13.79 -18.66
CA GLU B 223 -21.32 -13.16 -17.54
C GLU B 223 -20.87 -13.89 -16.30
N PRO B 224 -20.54 -13.18 -15.24
CA PRO B 224 -20.13 -13.80 -14.01
C PRO B 224 -21.23 -14.68 -13.41
N ARG B 225 -20.85 -15.65 -12.59
CA ARG B 225 -21.81 -16.50 -11.93
C ARG B 225 -21.72 -16.24 -10.42
N PRO B 226 -22.77 -16.58 -9.68
CA PRO B 226 -22.71 -16.47 -8.22
C PRO B 226 -21.40 -17.08 -7.72
N LEU B 227 -20.79 -16.52 -6.70
CA LEU B 227 -19.57 -16.98 -6.07
C LEU B 227 -19.71 -18.24 -5.23
N PRO B 228 -18.62 -19.00 -5.16
CA PRO B 228 -18.57 -20.24 -4.44
C PRO B 228 -18.45 -19.97 -2.94
N LYS B 229 -18.38 -21.06 -2.22
CA LYS B 229 -18.26 -20.94 -0.77
C LYS B 229 -17.13 -21.84 -0.30
N LEU B 230 -16.23 -21.20 0.46
CA LEU B 230 -15.13 -21.97 1.04
C LEU B 230 -15.53 -22.69 2.30
N ILE B 231 -15.11 -23.95 2.40
CA ILE B 231 -15.33 -24.75 3.59
C ILE B 231 -13.97 -25.22 4.09
N ILE B 232 -13.64 -24.87 5.31
CA ILE B 232 -12.47 -25.38 5.98
C ILE B 232 -12.97 -26.56 6.85
N LYS B 233 -12.58 -27.76 6.44
CA LYS B 233 -13.07 -28.99 7.07
C LYS B 233 -12.45 -29.31 8.40
N ARG B 234 -11.47 -28.60 8.94
CA ARG B 234 -10.82 -29.01 10.18
C ARG B 234 -10.07 -27.84 10.75
N LYS B 235 -10.26 -27.47 12.00
CA LYS B 235 -9.54 -26.37 12.61
C LYS B 235 -8.29 -26.87 13.32
N PRO B 236 -7.14 -26.60 12.70
CA PRO B 236 -5.88 -27.04 13.23
C PRO B 236 -5.46 -26.21 14.43
N GLU B 237 -4.44 -26.70 15.12
CA GLU B 237 -3.95 -26.09 16.33
C GLU B 237 -3.37 -24.70 16.10
N SER B 238 -2.81 -24.36 14.94
CA SER B 238 -2.30 -23.01 14.73
C SER B 238 -2.33 -22.64 13.26
N ILE B 239 -2.03 -21.40 12.91
CA ILE B 239 -2.04 -20.90 11.53
C ILE B 239 -0.98 -21.64 10.70
N PHE B 240 0.01 -22.27 11.33
CA PHE B 240 1.06 -22.97 10.61
C PHE B 240 0.79 -24.46 10.43
N ASP B 241 -0.44 -24.94 10.63
CA ASP B 241 -0.78 -26.35 10.63
C ASP B 241 -1.81 -26.73 9.57
N TYR B 242 -2.15 -25.81 8.68
CA TYR B 242 -3.11 -26.17 7.64
C TYR B 242 -2.45 -27.18 6.70
N ARG B 243 -3.29 -28.02 6.12
CA ARG B 243 -2.86 -29.03 5.16
C ARG B 243 -3.75 -28.85 3.95
N PHE B 244 -3.27 -29.24 2.78
CA PHE B 244 -4.04 -29.05 1.55
C PHE B 244 -5.49 -29.51 1.60
N GLU B 245 -5.77 -30.68 2.13
CA GLU B 245 -7.08 -31.29 2.23
C GLU B 245 -8.04 -30.63 3.22
N ASP B 246 -7.62 -29.60 3.96
CA ASP B 246 -8.47 -28.87 4.88
C ASP B 246 -9.41 -27.98 4.10
N PHE B 247 -9.11 -27.66 2.84
CA PHE B 247 -9.99 -26.77 2.10
C PHE B 247 -10.85 -27.37 0.99
N GLU B 248 -12.13 -26.95 0.99
CA GLU B 248 -13.04 -27.40 -0.04
C GLU B 248 -13.79 -26.18 -0.57
N ILE B 249 -13.90 -26.10 -1.90
CA ILE B 249 -14.71 -25.03 -2.46
C ILE B 249 -16.00 -25.69 -2.93
N GLU B 250 -17.13 -25.10 -2.62
CA GLU B 250 -18.43 -25.63 -2.98
C GLU B 250 -19.25 -24.63 -3.77
N GLY B 251 -19.96 -25.12 -4.80
CA GLY B 251 -20.77 -24.29 -5.66
C GLY B 251 -19.94 -23.56 -6.70
N TYR B 252 -18.74 -24.09 -7.01
CA TYR B 252 -17.93 -23.36 -8.01
C TYR B 252 -18.40 -23.83 -9.38
N ASP B 253 -18.91 -22.94 -10.19
CA ASP B 253 -19.49 -23.25 -11.50
C ASP B 253 -18.99 -22.29 -12.54
N PRO B 254 -17.70 -22.30 -12.88
CA PRO B 254 -17.12 -21.36 -13.81
C PRO B 254 -17.28 -21.74 -15.26
N HIS B 255 -17.29 -20.74 -16.11
CA HIS B 255 -17.07 -20.88 -17.53
C HIS B 255 -15.69 -21.54 -17.67
N PRO B 256 -15.43 -22.08 -18.88
CA PRO B 256 -14.24 -22.81 -19.15
C PRO B 256 -12.99 -22.03 -18.89
N GLY B 257 -11.96 -22.74 -18.48
CA GLY B 257 -10.68 -22.03 -18.29
C GLY B 257 -10.19 -21.44 -19.60
N ILE B 258 -9.39 -20.38 -19.47
CA ILE B 258 -8.85 -19.68 -20.62
C ILE B 258 -7.32 -19.68 -20.55
N LYS B 259 -6.65 -20.34 -21.46
CA LYS B 259 -5.19 -20.39 -21.47
C LYS B 259 -4.54 -19.13 -22.01
N ALA B 260 -3.50 -18.64 -21.32
CA ALA B 260 -2.79 -17.46 -21.76
C ALA B 260 -1.27 -17.66 -21.70
N PRO B 261 -0.61 -17.20 -22.76
CA PRO B 261 0.85 -17.28 -22.83
C PRO B 261 1.51 -16.53 -21.67
N VAL B 262 2.53 -17.13 -21.03
CA VAL B 262 3.20 -16.53 -19.88
C VAL B 262 4.53 -15.86 -20.26
N ALA B 263 4.65 -14.58 -19.91
CA ALA B 263 5.76 -13.69 -20.20
C ALA B 263 6.92 -13.63 -19.21
N ILE B 264 8.10 -14.10 -19.62
CA ILE B 264 9.30 -14.13 -18.82
C ILE B 264 10.25 -12.99 -19.16
S SO4 C . 1.91 29.62 5.26
O1 SO4 C . 2.82 30.69 4.84
O2 SO4 C . 2.55 28.64 6.19
O3 SO4 C . 0.76 30.28 6.03
O4 SO4 C . 1.34 28.95 4.08
S SO4 D . -17.65 30.42 -0.35
O1 SO4 D . -18.86 29.70 -0.88
O2 SO4 D . -17.52 31.69 -1.16
O3 SO4 D . -17.84 30.98 1.00
O4 SO4 D . -16.45 29.58 -0.60
S1 TP2 E . 4.26 9.99 16.44
C2 TP2 E . 2.46 9.61 16.33
C3 TP2 E . 1.85 10.02 14.98
N4 TP2 E . 2.04 11.47 14.75
C5 TP2 E . 2.74 11.85 13.67
C6 TP2 E . 2.76 13.37 13.41
N7 TP2 E . 2.75 13.64 11.95
S8 TP2 E . 1.12 13.95 11.34
C9 TP2 E . 0.40 15.41 11.99
C10 TP2 E . -0.33 15.44 13.17
C11 TP2 E . -0.86 16.62 13.66
C12 TP2 E . -0.67 17.86 13.00
C13 TP2 E . 0.06 17.83 11.82
C14 TP2 E . 0.59 16.63 11.32
C15 TP2 E . -1.24 19.19 13.48
O16 TP2 E . 1.43 14.11 9.77
O17 TP2 E . 0.32 12.60 11.53
C18 TP2 E . 3.74 14.68 11.60
C19 TP2 E . 3.99 15.38 12.92
C20 TP2 E . 3.92 14.25 13.94
O21 TP2 E . 3.27 11.02 12.94
C1 GOL F . -1.39 4.01 14.80
O1 GOL F . -1.43 5.43 14.74
C2 GOL F . -0.94 3.48 16.18
O2 GOL F . 0.40 3.86 16.17
C3 GOL F . -0.96 1.92 16.21
O3 GOL F . -2.09 1.19 16.75
S SO4 G . -8.59 -27.19 -8.39
O1 SO4 G . -8.87 -28.46 -7.66
O2 SO4 G . -7.16 -26.97 -8.72
O3 SO4 G . -9.37 -27.20 -9.67
O4 SO4 G . -9.08 -26.04 -7.54
S SO4 H . 16.50 -15.68 15.28
O1 SO4 H . 17.30 -16.13 16.47
O2 SO4 H . 17.48 -15.65 14.15
O3 SO4 H . 15.41 -16.65 14.95
O4 SO4 H . 15.97 -14.34 15.58
S1 TP2 I . 8.61 -13.44 -10.89
C2 TP2 I . 7.90 -11.96 -11.70
C3 TP2 I . 6.42 -11.84 -11.32
N4 TP2 I . 5.84 -13.19 -11.20
C5 TP2 I . 5.49 -13.79 -10.05
C6 TP2 I . 4.70 -15.12 -10.16
N7 TP2 I . 3.64 -15.31 -9.16
S8 TP2 I . 2.03 -14.71 -9.64
C9 TP2 I . 1.33 -15.79 -10.84
C10 TP2 I . 1.66 -15.52 -12.17
C11 TP2 I . 1.16 -16.36 -13.17
C12 TP2 I . 0.36 -17.47 -12.87
C13 TP2 I . 0.07 -17.73 -11.52
C14 TP2 I . 0.55 -16.90 -10.51
C15 TP2 I . -0.14 -18.34 -14.01
O16 TP2 I . 1.21 -14.65 -8.28
O17 TP2 I . 2.23 -13.27 -10.22
C18 TP2 I . 3.61 -16.71 -8.67
C19 TP2 I . 4.64 -17.44 -9.51
C20 TP2 I . 5.60 -16.35 -9.96
O21 TP2 I . 5.77 -13.44 -8.90
C1 GOL J . 7.63 -6.01 -12.70
O1 GOL J . 7.43 -7.29 -12.16
C2 GOL J . 9.18 -6.10 -12.55
O2 GOL J . 9.07 -6.82 -11.30
C3 GOL J . 9.83 -4.75 -12.41
O3 GOL J . 9.67 -3.67 -13.38
#